data_5MS8
#
_entry.id   5MS8
#
_cell.length_a   221.270
_cell.length_b   221.270
_cell.length_c   73.270
_cell.angle_alpha   90.00
_cell.angle_beta   90.00
_cell.angle_gamma   90.00
#
_symmetry.space_group_name_H-M   'I 4 2 2'
#
loop_
_entity.id
_entity.type
_entity.pdbx_description
1 polymer 'Legionella pneumophila effector protein RavZ'
2 non-polymer 'BARIUM ION'
3 non-polymer DI(HYDROXYETHYL)ETHER
4 water water
#
_entity_poly.entity_id   1
_entity_poly.type   'polypeptide(L)'
_entity_poly.pdbx_seq_one_letter_code
;GPMKGKLTGKDKLIVDEFEELGEQESDIDEFDLLEGDEKLPGDSELDKTTSIYPPETSWEVNKGMNSSRLHKLYSLFFDK
SSAFYLGDDVSVLEDKPLTGAYGFQSKKNDQQIFLFRPDSDYVAGYHVDAKSDAGWVNDKLDRRLSEISEFCSKATQPAT
FILPFVEMPTDITKGVQHQVLLTISYDPKSKQLTPTVYDSIGRDTYSESLSSYFKGKYRTTCDEILTQSIEKAIKSTDFT
LGKFTRAAYNHQNRLTEGNCGSYTFRTIKEVISSSAQGTEVKIPGSGYITSNSYLTSQHVQDIESCIKYRNLGVVDIESA
LTEGKTLPVQLSEFIVALEDYGKLRSQQSEKSMLNFIGYSKTAKLTAVELLIGILNDIKGKNEISESQYDKLVKEVDCLM
DSSLGKLVQFHLKNLGAESLQKLVLPCVKFDDTIDDFVTIEKDELFDVPDITGEELASKKGIEQGALDKEALLKQKQIKT
DLLDLREED
;
_entity_poly.pdbx_strand_id   A
#
# COMPACT_ATOMS: atom_id res chain seq x y z
N THR A 49 11.68 13.05 8.41
CA THR A 49 11.41 12.68 7.02
C THR A 49 12.51 11.79 6.44
N THR A 50 12.16 10.55 6.09
CA THR A 50 13.10 9.63 5.44
C THR A 50 12.59 9.27 4.04
N SER A 51 13.51 9.27 3.07
CA SER A 51 13.17 9.26 1.64
C SER A 51 13.23 7.91 0.88
N ILE A 52 13.70 6.84 1.51
CA ILE A 52 13.64 5.52 0.88
C ILE A 52 12.73 4.56 1.61
N TYR A 53 12.22 3.60 0.84
CA TYR A 53 11.29 2.59 1.30
C TYR A 53 11.93 1.24 1.07
N PRO A 54 12.73 0.76 2.04
CA PRO A 54 13.59 -0.40 1.80
C PRO A 54 12.78 -1.67 1.67
N PRO A 55 13.40 -2.72 1.11
CA PRO A 55 12.71 -4.00 1.12
C PRO A 55 12.60 -4.52 2.54
N GLU A 56 11.40 -4.88 2.97
CA GLU A 56 11.29 -5.51 4.27
C GLU A 56 11.04 -6.97 4.02
N THR A 57 12.11 -7.76 4.08
CA THR A 57 11.99 -9.18 3.88
C THR A 57 11.36 -9.67 5.15
N SER A 58 10.78 -10.86 5.11
CA SER A 58 10.14 -11.42 6.30
C SER A 58 8.91 -10.59 6.70
N TRP A 59 8.62 -9.51 6.00
CA TRP A 59 7.35 -8.87 6.25
C TRP A 59 6.26 -9.67 5.58
N GLU A 60 5.12 -9.76 6.24
CA GLU A 60 3.94 -10.43 5.67
C GLU A 60 2.70 -9.59 6.00
N VAL A 61 1.61 -9.79 5.26
CA VAL A 61 0.39 -8.97 5.43
C VAL A 61 -0.18 -8.98 6.86
N ASN A 62 -0.13 -10.12 7.53
CA ASN A 62 -0.61 -10.23 8.90
C ASN A 62 0.26 -9.43 9.88
N LYS A 63 1.39 -8.94 9.40
CA LYS A 63 2.29 -8.11 10.21
C LYS A 63 1.93 -6.62 10.19
N GLY A 64 0.85 -6.26 9.51
CA GLY A 64 0.34 -4.90 9.59
C GLY A 64 0.94 -3.83 8.67
N MET A 65 0.29 -2.67 8.68
CA MET A 65 0.55 -1.61 7.69
C MET A 65 1.04 -0.32 8.35
N ASN A 66 1.63 0.56 7.55
CA ASN A 66 1.91 1.91 7.99
C ASN A 66 2.02 2.84 6.78
N SER A 67 2.13 4.14 7.04
CA SER A 67 2.00 5.15 5.98
C SER A 67 3.02 4.91 4.86
N SER A 68 4.27 4.62 5.23
CA SER A 68 5.34 4.44 4.27
C SER A 68 5.14 3.20 3.39
N ARG A 69 4.88 2.06 4.02
CA ARG A 69 4.54 0.86 3.27
C ARG A 69 3.39 1.09 2.29
N LEU A 70 2.30 1.65 2.79
CA LEU A 70 1.12 1.90 1.99
C LEU A 70 1.51 2.75 0.75
N HIS A 71 2.28 3.79 1.00
CA HIS A 71 2.68 4.67 -0.07
C HIS A 71 3.49 3.88 -1.10
N LYS A 72 4.42 3.06 -0.62
CA LYS A 72 5.20 2.18 -1.48
C LYS A 72 4.27 1.33 -2.38
N LEU A 73 3.24 0.74 -1.77
CA LEU A 73 2.26 -0.06 -2.51
C LEU A 73 1.65 0.72 -3.64
N TYR A 74 1.49 2.04 -3.45
CA TYR A 74 0.95 2.91 -4.51
C TYR A 74 1.61 2.68 -5.88
N SER A 75 2.90 2.34 -5.87
CA SER A 75 3.63 2.12 -7.12
C SER A 75 3.00 1.07 -8.06
N LEU A 76 2.24 0.13 -7.48
CA LEU A 76 1.62 -0.95 -8.25
C LEU A 76 0.53 -0.46 -9.20
N PHE A 77 0.00 0.73 -8.95
CA PHE A 77 -1.19 1.19 -9.66
C PHE A 77 -1.02 1.25 -11.17
N PHE A 78 0.20 1.50 -11.63
CA PHE A 78 0.49 1.51 -13.06
C PHE A 78 1.26 0.33 -13.63
N ASP A 79 1.58 -0.65 -12.79
CA ASP A 79 2.27 -1.86 -13.24
C ASP A 79 1.27 -2.87 -13.78
N LYS A 80 1.37 -3.21 -15.07
CA LYS A 80 0.37 -4.07 -15.69
C LYS A 80 0.47 -5.55 -15.26
N SER A 81 1.64 -5.95 -14.77
CA SER A 81 1.79 -7.27 -14.16
C SER A 81 0.90 -7.40 -12.92
N SER A 82 0.43 -6.26 -12.43
CA SER A 82 -0.27 -6.19 -11.16
C SER A 82 -1.77 -6.10 -11.30
N ALA A 83 -2.47 -6.70 -10.33
CA ALA A 83 -3.92 -6.78 -10.34
C ALA A 83 -4.55 -5.50 -9.80
N PHE A 84 -3.67 -4.59 -9.37
CA PHE A 84 -4.06 -3.27 -8.87
C PHE A 84 -3.96 -2.22 -9.97
N TYR A 85 -3.57 -2.65 -11.18
CA TYR A 85 -3.33 -1.72 -12.28
C TYR A 85 -4.55 -0.95 -12.76
N LEU A 86 -4.39 0.37 -12.84
CA LEU A 86 -5.48 1.16 -13.36
C LEU A 86 -5.21 1.53 -14.82
N GLY A 87 -5.89 0.81 -15.71
CA GLY A 87 -6.00 1.14 -17.12
C GLY A 87 -7.41 1.68 -17.26
N ASP A 88 -7.93 2.13 -16.11
CA ASP A 88 -9.26 2.74 -16.01
C ASP A 88 -9.21 4.25 -16.14
N ASP A 89 -7.99 4.83 -16.12
CA ASP A 89 -7.83 6.29 -16.18
C ASP A 89 -6.40 6.76 -16.47
N VAL A 90 -6.23 8.08 -16.61
CA VAL A 90 -4.92 8.69 -16.85
C VAL A 90 -4.67 9.81 -15.81
N SER A 91 -3.55 10.54 -15.93
CA SER A 91 -3.25 11.57 -14.93
C SER A 91 -3.99 12.89 -15.23
N VAL A 92 -3.91 13.88 -14.31
CA VAL A 92 -4.54 15.19 -14.59
C VAL A 92 -3.50 16.11 -15.27
N LEU A 93 -3.91 16.79 -16.36
CA LEU A 93 -3.00 17.64 -17.16
C LEU A 93 -2.32 18.57 -16.18
N GLU A 94 -1.08 19.00 -16.42
CA GLU A 94 -0.33 19.45 -15.26
C GLU A 94 -0.81 20.85 -14.94
N ASP A 95 -1.71 20.82 -13.97
CA ASP A 95 -2.51 21.93 -13.48
C ASP A 95 -3.17 21.33 -12.25
N LYS A 96 -3.99 22.14 -11.58
CA LYS A 96 -4.81 21.74 -10.44
C LYS A 96 -4.18 20.82 -9.38
N PRO A 97 -2.92 21.09 -8.97
CA PRO A 97 -2.17 20.06 -8.25
C PRO A 97 -2.84 19.52 -6.97
N LEU A 98 -3.61 20.36 -6.26
CA LEU A 98 -4.19 19.97 -4.96
C LEU A 98 -3.19 19.25 -4.05
N THR A 99 -2.31 20.02 -3.43
CA THR A 99 -1.16 19.48 -2.73
C THR A 99 -1.49 18.38 -1.73
N GLY A 100 -0.62 17.36 -1.72
CA GLY A 100 -0.79 16.20 -0.88
C GLY A 100 -1.35 15.00 -1.64
N ALA A 101 -1.91 15.25 -2.81
CA ALA A 101 -2.54 14.17 -3.55
C ALA A 101 -2.03 14.07 -4.97
N TYR A 102 -2.38 12.93 -5.58
CA TYR A 102 -2.12 12.64 -6.98
C TYR A 102 -3.45 12.72 -7.72
N GLY A 103 -3.48 13.46 -8.83
CA GLY A 103 -4.71 13.63 -9.58
C GLY A 103 -4.87 12.67 -10.74
N PHE A 104 -6.11 12.40 -11.12
CA PHE A 104 -6.39 11.51 -12.22
C PHE A 104 -7.60 11.94 -13.03
N GLN A 105 -7.41 12.06 -14.34
CA GLN A 105 -8.54 12.22 -15.24
C GLN A 105 -9.07 10.82 -15.48
N SER A 106 -10.39 10.66 -15.56
CA SER A 106 -10.94 9.37 -15.94
C SER A 106 -10.88 9.21 -17.44
N LYS A 107 -10.38 8.06 -17.89
CA LYS A 107 -10.32 7.75 -19.31
C LYS A 107 -11.76 7.56 -19.80
N LYS A 108 -12.62 7.03 -18.95
CA LYS A 108 -13.99 6.70 -19.34
C LYS A 108 -15.00 7.80 -19.01
N ASN A 109 -14.52 8.93 -18.52
CA ASN A 109 -15.40 9.92 -17.88
C ASN A 109 -14.91 11.37 -17.93
N ASP A 110 -15.75 12.26 -17.39
CA ASP A 110 -15.36 13.64 -17.10
C ASP A 110 -14.98 13.77 -15.63
N GLN A 111 -14.97 12.63 -14.93
CA GLN A 111 -14.72 12.58 -13.48
C GLN A 111 -13.24 12.65 -13.10
N GLN A 112 -12.92 13.48 -12.10
CA GLN A 112 -11.54 13.63 -11.61
C GLN A 112 -11.33 12.92 -10.25
N ILE A 113 -10.18 12.28 -10.07
CA ILE A 113 -9.93 11.47 -8.88
C ILE A 113 -8.63 11.84 -8.19
N PHE A 114 -8.71 12.26 -6.94
CA PHE A 114 -7.52 12.69 -6.22
C PHE A 114 -7.24 11.72 -5.08
N LEU A 115 -6.15 10.98 -5.21
CA LEU A 115 -5.77 10.04 -4.17
C LEU A 115 -4.63 10.63 -3.36
N PHE A 116 -4.83 10.73 -2.05
CA PHE A 116 -3.80 11.30 -1.20
C PHE A 116 -2.65 10.33 -0.92
N ARG A 117 -1.43 10.86 -0.94
CA ARG A 117 -0.29 10.13 -0.41
C ARG A 117 -0.55 10.03 1.06
N PRO A 118 -0.33 8.84 1.67
CA PRO A 118 -0.61 8.64 3.09
C PRO A 118 0.34 9.40 4.00
N ASP A 119 -0.11 9.66 5.22
CA ASP A 119 0.66 10.45 6.17
C ASP A 119 0.63 9.79 7.54
N SER A 120 1.79 9.72 8.19
CA SER A 120 1.84 9.30 9.60
C SER A 120 0.85 10.12 10.43
N ASP A 121 0.52 11.33 9.95
CA ASP A 121 -0.32 12.24 10.71
C ASP A 121 -1.78 12.23 10.32
N TYR A 122 -2.23 11.37 9.42
CA TYR A 122 -3.69 11.34 9.23
C TYR A 122 -4.26 10.32 10.18
N VAL A 123 -4.80 10.80 11.31
CA VAL A 123 -5.19 9.92 12.41
C VAL A 123 -6.43 10.47 13.08
N ALA A 124 -7.35 9.59 13.44
CA ALA A 124 -8.50 9.99 14.24
C ALA A 124 -8.53 9.15 15.52
N GLY A 125 -8.39 9.81 16.66
CA GLY A 125 -8.61 9.14 17.94
C GLY A 125 -10.04 9.27 18.42
N TYR A 126 -10.59 8.21 18.98
CA TYR A 126 -11.95 8.27 19.52
C TYR A 126 -11.96 7.72 20.93
N HIS A 127 -12.84 8.27 21.75
CA HIS A 127 -13.03 7.79 23.09
C HIS A 127 -14.11 6.70 23.07
N VAL A 128 -13.72 5.50 23.49
CA VAL A 128 -14.64 4.39 23.61
C VAL A 128 -15.69 4.69 24.68
N ASP A 129 -15.27 5.34 25.75
CA ASP A 129 -16.18 5.79 26.79
C ASP A 129 -17.02 6.94 26.24
N ALA A 130 -18.33 6.84 26.36
CA ALA A 130 -19.20 7.80 25.69
C ALA A 130 -19.65 8.91 26.61
N LYS A 131 -19.20 8.86 27.86
CA LYS A 131 -19.39 9.99 28.74
C LYS A 131 -18.29 10.99 28.39
N SER A 132 -17.19 10.47 27.86
CA SER A 132 -16.14 11.33 27.34
C SER A 132 -16.56 11.98 26.04
N ASP A 133 -15.75 12.94 25.58
CA ASP A 133 -16.01 13.61 24.32
C ASP A 133 -15.59 12.70 23.18
N ALA A 134 -16.23 12.84 22.02
CA ALA A 134 -16.09 11.91 20.91
C ALA A 134 -14.65 11.61 20.47
N GLY A 135 -13.74 12.56 20.66
CA GLY A 135 -12.38 12.32 20.20
C GLY A 135 -11.58 13.53 19.75
N TRP A 136 -10.62 13.25 18.86
CA TRP A 136 -9.88 14.27 18.11
C TRP A 136 -9.51 13.79 16.69
N VAL A 137 -9.46 14.74 15.76
CA VAL A 137 -8.86 14.49 14.49
C VAL A 137 -7.57 15.29 14.43
N ASN A 138 -6.54 14.69 13.87
CA ASN A 138 -5.22 15.30 13.81
C ASN A 138 -5.21 16.57 12.95
N ASP A 139 -4.64 17.68 13.44
CA ASP A 139 -4.82 18.97 12.75
C ASP A 139 -4.42 18.93 11.23
N LYS A 140 -3.65 17.93 10.81
CA LYS A 140 -3.29 17.81 9.39
C LYS A 140 -4.43 17.24 8.58
N LEU A 141 -5.02 16.17 9.08
CA LEU A 141 -6.21 15.60 8.49
C LEU A 141 -7.32 16.64 8.35
N ASP A 142 -7.58 17.34 9.45
CA ASP A 142 -8.56 18.40 9.45
C ASP A 142 -8.20 19.40 8.35
N ARG A 143 -6.93 19.80 8.34
CA ARG A 143 -6.41 20.70 7.31
C ARG A 143 -6.75 20.22 5.89
N ARG A 144 -6.51 18.94 5.61
CA ARG A 144 -6.81 18.39 4.29
C ARG A 144 -8.29 18.42 3.95
N LEU A 145 -9.14 18.14 4.94
CA LEU A 145 -10.59 18.32 4.76
C LEU A 145 -10.99 19.74 4.35
N SER A 146 -10.46 20.72 5.10
CA SER A 146 -10.65 22.14 4.73
C SER A 146 -10.16 22.46 3.31
N GLU A 147 -9.04 21.84 2.93
CA GLU A 147 -8.52 21.99 1.58
C GLU A 147 -9.38 21.33 0.46
N ILE A 148 -9.94 20.16 0.71
CA ILE A 148 -10.90 19.59 -0.20
C ILE A 148 -12.07 20.56 -0.36
N SER A 149 -12.52 21.12 0.76
CA SER A 149 -13.70 21.96 0.74
C SER A 149 -13.40 23.11 -0.19
N GLU A 150 -12.17 23.62 -0.08
CA GLU A 150 -11.76 24.79 -0.85
C GLU A 150 -11.52 24.47 -2.34
N PHE A 151 -11.05 23.25 -2.63
CA PHE A 151 -10.89 22.82 -4.00
C PHE A 151 -12.27 22.74 -4.65
N CYS A 152 -13.25 22.29 -3.88
CA CYS A 152 -14.60 22.12 -4.42
C CYS A 152 -15.35 23.45 -4.55
N SER A 153 -14.99 24.44 -3.74
CA SER A 153 -15.64 25.74 -3.83
C SER A 153 -15.51 26.31 -5.25
N LYS A 154 -14.35 26.12 -5.85
CA LYS A 154 -14.25 26.26 -7.31
C LYS A 154 -13.89 24.93 -7.96
N ALA A 155 -14.90 24.24 -8.52
CA ALA A 155 -14.65 23.04 -9.31
C ALA A 155 -15.71 22.92 -10.37
N THR A 156 -15.31 22.76 -11.63
CA THR A 156 -16.28 22.65 -12.72
C THR A 156 -16.59 21.20 -13.06
N GLN A 157 -15.81 20.28 -12.52
CA GLN A 157 -15.95 18.88 -12.86
C GLN A 157 -16.11 18.08 -11.56
N PRO A 158 -16.93 17.02 -11.61
CA PRO A 158 -17.22 16.14 -10.48
C PRO A 158 -15.94 15.54 -9.95
N ALA A 159 -15.80 15.41 -8.63
CA ALA A 159 -14.53 14.87 -8.12
C ALA A 159 -14.71 13.84 -7.01
N THR A 160 -13.68 13.00 -6.84
CA THR A 160 -13.67 12.03 -5.75
C THR A 160 -12.33 12.09 -5.04
N PHE A 161 -12.35 12.34 -3.74
CA PHE A 161 -11.11 12.46 -2.95
C PHE A 161 -10.95 11.24 -2.07
N ILE A 162 -9.81 10.59 -2.18
CA ILE A 162 -9.55 9.34 -1.49
C ILE A 162 -8.42 9.52 -0.50
N LEU A 163 -8.77 9.47 0.78
CA LEU A 163 -7.78 9.66 1.84
C LEU A 163 -7.69 8.45 2.79
N PRO A 164 -6.53 7.77 2.81
CA PRO A 164 -6.34 6.68 3.78
C PRO A 164 -5.95 7.21 5.17
N PHE A 165 -6.44 6.61 6.24
CA PHE A 165 -6.12 7.13 7.57
C PHE A 165 -6.25 6.09 8.64
N VAL A 166 -5.69 6.39 9.80
CA VAL A 166 -5.64 5.40 10.89
C VAL A 166 -6.62 5.78 11.98
N GLU A 167 -7.35 4.77 12.45
CA GLU A 167 -8.44 5.01 13.38
C GLU A 167 -8.05 4.31 14.67
N MET A 168 -8.11 5.01 15.81
CA MET A 168 -7.69 4.38 17.08
C MET A 168 -8.47 4.79 18.35
N PRO A 169 -8.70 3.82 19.26
CA PRO A 169 -9.20 4.17 20.60
C PRO A 169 -8.10 4.74 21.51
N THR A 170 -8.39 5.87 22.16
CA THR A 170 -7.44 6.46 23.11
C THR A 170 -7.70 6.24 24.61
N ASP A 171 -8.83 5.65 25.03
CA ASP A 171 -9.06 5.37 26.46
C ASP A 171 -8.24 4.21 26.92
N ILE A 172 -8.31 3.16 26.11
CA ILE A 172 -7.84 1.86 26.50
C ILE A 172 -6.32 1.79 26.31
N THR A 173 -5.65 0.78 26.83
CA THR A 173 -4.18 0.80 26.77
C THR A 173 -3.62 0.13 25.50
N LYS A 174 -4.46 -0.67 24.86
CA LYS A 174 -4.03 -1.42 23.69
C LYS A 174 -3.60 -0.42 22.63
N GLY A 175 -4.50 0.49 22.31
CA GLY A 175 -4.27 1.43 21.23
C GLY A 175 -4.05 0.67 19.95
N VAL A 176 -4.95 -0.27 19.65
CA VAL A 176 -4.99 -0.86 18.33
C VAL A 176 -5.21 0.28 17.33
N GLN A 177 -4.32 0.40 16.35
CA GLN A 177 -4.53 1.33 15.24
C GLN A 177 -4.94 0.57 14.00
N HIS A 178 -6.11 0.87 13.46
CA HIS A 178 -6.42 0.12 12.27
C HIS A 178 -6.53 1.02 11.05
N GLN A 179 -5.84 0.59 10.01
CA GLN A 179 -5.83 1.27 8.72
C GLN A 179 -7.22 1.25 8.12
N VAL A 180 -7.68 2.40 7.64
CA VAL A 180 -9.10 2.62 7.30
C VAL A 180 -9.17 3.70 6.18
N LEU A 181 -10.31 3.83 5.48
CA LEU A 181 -10.32 4.68 4.29
C LEU A 181 -11.49 5.63 4.20
N LEU A 182 -11.19 6.92 4.08
CA LEU A 182 -12.22 7.92 3.81
C LEU A 182 -12.28 8.25 2.33
N THR A 183 -13.49 8.37 1.77
CA THR A 183 -13.64 8.98 0.45
C THR A 183 -14.74 10.02 0.48
N ILE A 184 -14.50 11.13 -0.22
CA ILE A 184 -15.47 12.22 -0.31
C ILE A 184 -15.77 12.53 -1.76
N SER A 185 -17.03 12.39 -2.16
CA SER A 185 -17.34 12.65 -3.56
C SER A 185 -18.19 13.91 -3.70
N TYR A 186 -17.76 14.83 -4.55
CA TYR A 186 -18.43 16.11 -4.75
C TYR A 186 -19.05 16.28 -6.14
N ASP A 187 -20.32 16.66 -6.17
CA ASP A 187 -21.01 17.06 -7.39
C ASP A 187 -21.37 18.55 -7.41
N PRO A 188 -20.88 19.26 -8.45
CA PRO A 188 -21.05 20.69 -8.70
C PRO A 188 -22.50 21.07 -9.03
N LYS A 189 -23.17 20.22 -9.80
CA LYS A 189 -24.53 20.48 -10.23
C LYS A 189 -25.52 20.13 -9.13
N SER A 190 -25.09 19.26 -8.22
CA SER A 190 -25.92 18.81 -7.10
C SER A 190 -25.58 19.66 -5.88
N LYS A 191 -24.64 20.58 -6.05
CA LYS A 191 -24.12 21.49 -5.02
C LYS A 191 -23.76 20.78 -3.71
N GLN A 192 -23.30 19.54 -3.79
CA GLN A 192 -23.12 18.79 -2.53
C GLN A 192 -22.08 17.68 -2.56
N LEU A 193 -21.68 17.25 -1.36
CA LEU A 193 -20.62 16.25 -1.25
C LEU A 193 -20.81 15.25 -0.13
N THR A 194 -20.51 14.00 -0.45
CA THR A 194 -20.81 12.84 0.38
C THR A 194 -19.60 12.11 0.89
N PRO A 195 -19.46 12.07 2.23
CA PRO A 195 -18.44 11.30 2.95
C PRO A 195 -18.80 9.83 3.06
N THR A 196 -17.78 8.98 3.01
CA THR A 196 -17.93 7.55 3.22
C THR A 196 -16.66 6.97 3.83
N VAL A 197 -16.83 6.04 4.76
CA VAL A 197 -15.67 5.34 5.29
C VAL A 197 -15.78 3.85 4.99
N TYR A 198 -14.69 3.31 4.49
CA TYR A 198 -14.53 1.90 4.22
C TYR A 198 -13.66 1.29 5.32
N ASP A 199 -14.27 0.35 6.04
CA ASP A 199 -13.72 -0.28 7.24
C ASP A 199 -13.65 -1.81 7.09
N SER A 200 -12.44 -2.37 7.16
CA SER A 200 -12.24 -3.81 6.92
C SER A 200 -12.57 -4.69 8.13
N ILE A 201 -12.52 -4.09 9.31
CA ILE A 201 -12.65 -4.79 10.60
C ILE A 201 -14.13 -4.93 10.96
N GLY A 202 -15.00 -4.78 9.96
CA GLY A 202 -16.43 -4.67 10.14
C GLY A 202 -17.15 -5.97 10.48
N ARG A 203 -16.39 -6.87 11.07
CA ARG A 203 -16.86 -8.18 11.50
C ARG A 203 -18.21 -8.25 12.20
N ASP A 204 -18.32 -7.59 13.34
CA ASP A 204 -19.00 -8.17 14.50
C ASP A 204 -20.36 -8.79 14.20
N THR A 205 -20.58 -9.91 14.86
CA THR A 205 -21.68 -10.82 14.63
C THR A 205 -22.59 -10.72 15.85
N TYR A 206 -23.85 -11.10 15.71
CA TYR A 206 -24.88 -10.78 16.71
C TYR A 206 -24.49 -11.04 18.17
N SER A 207 -23.83 -12.17 18.43
CA SER A 207 -23.34 -12.45 19.79
C SER A 207 -22.41 -11.35 20.30
N GLU A 208 -21.48 -10.92 19.44
CA GLU A 208 -20.52 -9.87 19.75
C GLU A 208 -21.01 -8.49 19.28
N SER A 209 -22.28 -8.41 18.89
CA SER A 209 -22.87 -7.12 18.55
C SER A 209 -23.20 -6.29 19.80
N LEU A 210 -23.62 -5.04 19.58
CA LEU A 210 -23.90 -4.10 20.67
C LEU A 210 -25.34 -3.59 20.62
N SER A 211 -26.03 -3.68 21.75
CA SER A 211 -27.42 -3.25 21.79
C SER A 211 -27.52 -1.74 21.64
N SER A 212 -28.68 -1.27 21.19
CA SER A 212 -28.96 0.15 21.00
C SER A 212 -28.61 0.94 22.26
N TYR A 213 -28.92 0.35 23.40
CA TYR A 213 -28.67 0.96 24.69
C TYR A 213 -27.17 1.06 25.04
N PHE A 214 -26.45 -0.02 24.78
CA PHE A 214 -25.03 -0.11 25.14
C PHE A 214 -24.17 0.65 24.17
N LYS A 215 -24.70 0.84 22.95
CA LYS A 215 -24.08 1.75 22.00
C LYS A 215 -23.97 3.14 22.65
N GLY A 216 -24.98 3.48 23.44
CA GLY A 216 -24.96 4.74 24.17
C GLY A 216 -23.82 4.86 25.17
N LYS A 217 -23.35 3.74 25.72
CA LYS A 217 -22.24 3.81 26.68
C LYS A 217 -20.87 3.65 26.03
N TYR A 218 -20.85 3.17 24.80
CA TYR A 218 -19.61 2.72 24.16
C TYR A 218 -19.52 3.10 22.68
N ARG A 219 -18.41 3.72 22.28
CA ARG A 219 -18.15 3.99 20.87
C ARG A 219 -17.23 2.92 20.33
N THR A 220 -17.58 2.30 19.21
CA THR A 220 -16.64 1.40 18.55
C THR A 220 -15.82 2.08 17.45
N THR A 221 -16.18 3.31 17.08
CA THR A 221 -15.49 4.00 15.98
C THR A 221 -15.40 5.51 16.10
N CYS A 222 -14.73 6.11 15.13
CA CYS A 222 -14.42 7.54 15.14
C CYS A 222 -15.43 8.38 14.35
N ASP A 223 -16.53 7.76 13.93
CA ASP A 223 -17.50 8.44 13.07
C ASP A 223 -18.02 9.76 13.64
N GLU A 224 -18.19 9.82 14.96
CA GLU A 224 -18.76 11.02 15.55
C GLU A 224 -17.87 12.24 15.34
N ILE A 225 -16.64 12.13 15.84
CA ILE A 225 -15.65 13.18 15.68
C ILE A 225 -15.35 13.47 14.19
N LEU A 226 -15.35 12.44 13.37
CA LEU A 226 -15.04 12.61 11.96
C LEU A 226 -16.12 13.40 11.20
N THR A 227 -17.39 13.02 11.40
CA THR A 227 -18.49 13.74 10.79
C THR A 227 -18.44 15.20 11.26
N GLN A 228 -18.19 15.37 12.55
CA GLN A 228 -17.99 16.71 13.10
C GLN A 228 -16.94 17.52 12.33
N SER A 229 -15.76 16.94 12.17
CA SER A 229 -14.66 17.56 11.42
C SER A 229 -15.06 17.95 10.01
N ILE A 230 -15.86 17.09 9.38
CA ILE A 230 -16.31 17.38 8.03
C ILE A 230 -17.32 18.54 8.03
N GLU A 231 -18.36 18.52 8.86
CA GLU A 231 -19.31 19.62 8.74
C GLU A 231 -18.70 20.92 9.26
N LYS A 232 -17.58 20.80 9.95
CA LYS A 232 -16.81 21.98 10.34
C LYS A 232 -16.00 22.50 9.15
N ALA A 233 -15.45 21.59 8.37
CA ALA A 233 -14.60 21.95 7.21
C ALA A 233 -15.37 22.75 6.17
N ILE A 234 -16.59 22.33 5.87
CA ILE A 234 -17.49 23.28 5.20
C ILE A 234 -18.50 23.91 6.16
N LYS A 235 -18.27 25.15 6.52
CA LYS A 235 -19.40 25.99 6.77
C LYS A 235 -19.14 27.38 6.24
N SER A 236 -19.75 27.63 5.10
CA SER A 236 -20.39 28.89 4.81
C SER A 236 -21.86 28.52 4.96
N THR A 237 -22.03 27.25 5.37
CA THR A 237 -23.17 26.41 5.01
C THR A 237 -23.33 26.62 3.52
N ASP A 238 -22.20 26.47 2.84
CA ASP A 238 -22.11 26.60 1.38
C ASP A 238 -22.51 25.32 0.68
N PHE A 239 -22.17 24.19 1.28
CA PHE A 239 -22.49 22.90 0.70
C PHE A 239 -23.55 22.20 1.47
N THR A 240 -24.33 21.41 0.75
CA THR A 240 -25.19 20.42 1.38
C THR A 240 -24.31 19.24 1.72
N LEU A 241 -24.44 18.74 2.94
CA LEU A 241 -23.68 17.58 3.33
C LEU A 241 -24.47 16.31 3.08
N GLY A 242 -24.02 15.52 2.11
CA GLY A 242 -24.63 14.23 1.85
C GLY A 242 -24.49 13.37 3.08
N LYS A 243 -25.31 12.34 3.21
CA LYS A 243 -25.30 11.59 4.46
C LYS A 243 -24.02 10.80 4.61
N PHE A 244 -23.52 10.81 5.84
CA PHE A 244 -22.32 10.10 6.18
C PHE A 244 -22.62 8.61 6.34
N THR A 245 -21.87 7.77 5.63
CA THR A 245 -22.08 6.34 5.67
C THR A 245 -20.79 5.58 5.95
N ARG A 246 -20.92 4.34 6.42
CA ARG A 246 -19.74 3.55 6.71
C ARG A 246 -19.83 2.11 6.22
N ALA A 247 -18.93 1.76 5.32
CA ALA A 247 -18.92 0.44 4.72
C ALA A 247 -17.96 -0.50 5.45
N ALA A 248 -18.54 -1.49 6.12
CA ALA A 248 -17.77 -2.50 6.84
C ALA A 248 -17.74 -3.82 6.03
N TYR A 249 -16.66 -4.60 6.12
CA TYR A 249 -16.71 -5.94 5.54
C TYR A 249 -16.02 -7.02 6.39
N ASN A 250 -16.05 -8.25 5.87
CA ASN A 250 -16.13 -9.46 6.68
C ASN A 250 -15.06 -9.75 7.73
N HIS A 251 -15.54 -9.95 8.95
CA HIS A 251 -14.92 -10.78 10.00
C HIS A 251 -13.40 -10.70 10.24
N GLN A 252 -12.85 -9.51 10.43
CA GLN A 252 -11.43 -9.41 10.75
C GLN A 252 -11.10 -9.63 12.24
N ASN A 253 -11.88 -9.02 13.12
CA ASN A 253 -11.64 -9.06 14.56
C ASN A 253 -10.24 -8.55 14.91
N GLY A 258 -3.46 -8.06 11.84
CA GLY A 258 -3.74 -6.74 11.30
C GLY A 258 -3.72 -6.61 9.79
N ASN A 259 -4.55 -7.40 9.12
CA ASN A 259 -4.66 -7.37 7.67
C ASN A 259 -5.39 -6.14 7.13
N CYS A 260 -5.97 -5.33 8.04
CA CYS A 260 -6.78 -4.17 7.66
C CYS A 260 -6.09 -3.35 6.57
N GLY A 261 -4.79 -3.11 6.76
CA GLY A 261 -4.01 -2.33 5.81
C GLY A 261 -4.16 -2.78 4.37
N SER A 262 -3.95 -4.06 4.13
CA SER A 262 -4.00 -4.57 2.77
C SER A 262 -5.41 -4.45 2.20
N TYR A 263 -6.43 -4.73 3.01
CA TYR A 263 -7.78 -4.53 2.49
C TYR A 263 -7.96 -3.06 2.09
N THR A 264 -7.46 -2.15 2.92
CA THR A 264 -7.57 -0.72 2.63
C THR A 264 -6.97 -0.45 1.26
N PHE A 265 -5.78 -1.00 1.01
CA PHE A 265 -5.14 -0.75 -0.27
C PHE A 265 -6.03 -1.27 -1.43
N ARG A 266 -6.49 -2.51 -1.31
CA ARG A 266 -7.36 -3.07 -2.31
C ARG A 266 -8.55 -2.15 -2.55
N THR A 267 -9.09 -1.60 -1.46
CA THR A 267 -10.28 -0.79 -1.55
C THR A 267 -10.00 0.48 -2.34
N ILE A 268 -8.82 1.06 -2.12
CA ILE A 268 -8.43 2.23 -2.90
C ILE A 268 -8.55 1.90 -4.39
N LYS A 269 -7.98 0.77 -4.82
CA LYS A 269 -8.13 0.33 -6.21
C LYS A 269 -9.62 0.26 -6.59
N GLU A 270 -10.40 -0.48 -5.80
CA GLU A 270 -11.81 -0.63 -6.10
C GLU A 270 -12.49 0.73 -6.20
N VAL A 271 -12.09 1.66 -5.31
CA VAL A 271 -12.76 2.96 -5.20
C VAL A 271 -12.46 3.80 -6.43
N ILE A 272 -11.23 3.67 -6.93
CA ILE A 272 -10.84 4.43 -8.11
C ILE A 272 -11.50 3.89 -9.37
N SER A 273 -11.31 2.59 -9.62
CA SER A 273 -11.90 1.95 -10.81
C SER A 273 -13.41 2.16 -10.83
N SER A 274 -14.05 1.91 -9.69
CA SER A 274 -15.51 1.99 -9.60
C SER A 274 -16.00 3.41 -9.84
N SER A 275 -15.09 4.38 -9.81
CA SER A 275 -15.48 5.76 -10.06
C SER A 275 -15.43 6.15 -11.54
N ALA A 276 -14.78 5.36 -12.40
CA ALA A 276 -14.95 5.57 -13.84
C ALA A 276 -16.42 5.45 -14.21
N GLN A 277 -17.10 4.51 -13.53
CA GLN A 277 -18.57 4.45 -13.35
C GLN A 277 -18.90 3.16 -12.59
N GLY A 278 -20.10 3.08 -12.04
CA GLY A 278 -20.54 1.88 -11.35
C GLY A 278 -20.64 2.04 -9.85
N THR A 279 -21.50 1.24 -9.24
CA THR A 279 -21.72 1.27 -7.81
C THR A 279 -20.47 0.77 -7.12
N GLU A 280 -20.36 1.06 -5.83
CA GLU A 280 -19.19 0.66 -5.05
C GLU A 280 -19.28 -0.79 -4.57
N VAL A 281 -18.29 -1.61 -4.93
CA VAL A 281 -18.40 -3.06 -4.71
C VAL A 281 -17.40 -3.64 -3.67
N LYS A 282 -17.91 -3.97 -2.49
CA LYS A 282 -17.12 -4.51 -1.40
C LYS A 282 -17.86 -5.74 -0.87
N ILE A 283 -17.22 -6.50 0.00
CA ILE A 283 -17.73 -7.82 0.38
C ILE A 283 -19.20 -7.97 0.89
N PRO A 284 -19.58 -7.41 2.04
CA PRO A 284 -20.80 -7.96 2.65
C PRO A 284 -22.10 -7.66 1.90
N GLY A 285 -22.28 -8.30 0.75
CA GLY A 285 -23.35 -7.92 -0.14
C GLY A 285 -22.94 -6.63 -0.81
N SER A 286 -23.73 -6.17 -1.77
CA SER A 286 -23.37 -5.02 -2.59
C SER A 286 -21.92 -5.18 -3.03
N GLY A 287 -21.61 -6.35 -3.59
CA GLY A 287 -20.26 -6.67 -4.01
C GLY A 287 -19.86 -8.13 -4.03
N TYR A 288 -18.56 -8.33 -3.88
CA TYR A 288 -17.90 -9.63 -3.87
C TYR A 288 -18.50 -10.62 -2.88
N ILE A 289 -18.56 -11.89 -3.27
CA ILE A 289 -19.12 -12.92 -2.42
C ILE A 289 -18.31 -13.05 -1.13
N THR A 290 -17.02 -13.28 -1.26
CA THR A 290 -16.16 -13.52 -0.10
C THR A 290 -15.04 -12.49 -0.04
N SER A 291 -14.40 -12.40 1.12
CA SER A 291 -13.23 -11.54 1.24
C SER A 291 -12.10 -12.04 0.35
N ASN A 292 -12.06 -13.34 0.14
CA ASN A 292 -10.96 -13.98 -0.60
C ASN A 292 -11.00 -13.71 -2.10
N SER A 293 -12.21 -13.54 -2.63
CA SER A 293 -12.39 -13.15 -4.02
C SER A 293 -12.09 -11.67 -4.21
N TYR A 294 -12.37 -10.89 -3.18
CA TYR A 294 -12.20 -9.45 -3.22
C TYR A 294 -10.75 -9.08 -3.16
N LEU A 295 -10.12 -9.43 -2.06
CA LEU A 295 -8.67 -9.41 -2.02
C LEU A 295 -8.21 -10.81 -2.36
N THR A 296 -7.83 -11.00 -3.62
CA THR A 296 -7.42 -12.29 -4.12
C THR A 296 -5.99 -12.57 -3.68
N SER A 297 -5.58 -13.84 -3.77
CA SER A 297 -4.22 -14.23 -3.43
C SER A 297 -3.21 -13.60 -4.39
N GLN A 298 -3.65 -13.29 -5.60
CA GLN A 298 -2.82 -12.63 -6.60
C GLN A 298 -2.66 -11.15 -6.24
N HIS A 299 -3.60 -10.65 -5.43
CA HIS A 299 -3.53 -9.30 -4.91
C HIS A 299 -2.52 -9.30 -3.75
N VAL A 300 -2.49 -10.44 -3.08
CA VAL A 300 -1.71 -10.55 -1.86
C VAL A 300 -0.25 -10.72 -2.17
N GLN A 301 0.06 -11.64 -3.08
CA GLN A 301 1.46 -11.86 -3.37
C GLN A 301 1.99 -10.61 -4.07
N ASP A 302 1.12 -9.88 -4.78
CA ASP A 302 1.55 -8.62 -5.38
C ASP A 302 2.00 -7.64 -4.32
N ILE A 303 1.11 -7.37 -3.36
CA ILE A 303 1.45 -6.52 -2.22
C ILE A 303 2.72 -7.00 -1.47
N GLU A 304 2.74 -8.27 -1.09
CA GLU A 304 3.85 -8.80 -0.30
C GLU A 304 5.15 -8.70 -1.06
N SER A 305 5.13 -9.09 -2.33
CA SER A 305 6.36 -9.09 -3.09
C SER A 305 6.84 -7.66 -3.22
N CYS A 306 5.91 -6.73 -3.41
CA CYS A 306 6.27 -5.32 -3.43
C CYS A 306 7.01 -4.87 -2.18
N ILE A 307 6.38 -5.06 -1.01
CA ILE A 307 6.96 -4.61 0.27
C ILE A 307 8.24 -5.35 0.59
N LYS A 308 8.17 -6.66 0.36
CA LYS A 308 9.16 -7.62 0.83
C LYS A 308 10.44 -7.49 0.05
N TYR A 309 10.32 -7.48 -1.28
CA TYR A 309 11.49 -7.54 -2.14
C TYR A 309 11.98 -6.25 -2.83
N ARG A 310 11.26 -5.13 -2.75
CA ARG A 310 11.71 -3.94 -3.53
C ARG A 310 12.28 -2.77 -2.71
N ASN A 311 13.21 -2.04 -3.33
CA ASN A 311 13.79 -0.82 -2.76
C ASN A 311 13.40 0.40 -3.60
N LEU A 312 12.52 1.24 -3.08
CA LEU A 312 11.95 2.31 -3.87
C LEU A 312 12.10 3.70 -3.23
N GLY A 313 12.62 4.65 -3.98
CA GLY A 313 12.69 6.02 -3.51
C GLY A 313 11.30 6.65 -3.52
N VAL A 314 11.10 7.71 -2.75
CA VAL A 314 9.80 8.36 -2.82
C VAL A 314 9.72 9.16 -4.11
N VAL A 315 10.86 9.67 -4.55
CA VAL A 315 10.92 10.38 -5.82
C VAL A 315 10.47 9.47 -6.96
N ASP A 316 10.96 8.22 -6.94
CA ASP A 316 10.60 7.23 -7.94
C ASP A 316 9.08 7.05 -8.00
N ILE A 317 8.46 6.96 -6.84
CA ILE A 317 7.00 6.85 -6.75
C ILE A 317 6.28 8.09 -7.29
N GLU A 318 6.68 9.26 -6.80
CA GLU A 318 6.05 10.53 -7.16
C GLU A 318 6.08 10.73 -8.67
N SER A 319 7.25 10.56 -9.25
CA SER A 319 7.37 10.52 -10.69
C SER A 319 6.38 9.49 -11.26
N ALA A 320 6.40 8.27 -10.72
CA ALA A 320 5.64 7.17 -11.31
C ALA A 320 4.11 7.41 -11.37
N LEU A 321 3.54 8.10 -10.39
CA LEU A 321 2.12 8.43 -10.46
C LEU A 321 1.83 9.79 -11.05
N THR A 322 2.88 10.58 -11.26
CA THR A 322 2.68 11.85 -11.92
C THR A 322 2.61 11.60 -13.42
N GLU A 323 3.53 10.78 -13.91
CA GLU A 323 3.65 10.58 -15.35
C GLU A 323 2.93 9.32 -15.84
N GLY A 324 2.24 8.62 -14.94
CA GLY A 324 1.54 7.39 -15.30
C GLY A 324 2.47 6.24 -15.72
N LYS A 325 3.71 6.31 -15.24
CA LYS A 325 4.79 5.35 -15.51
C LYS A 325 4.78 4.08 -14.63
N THR A 326 5.38 3.00 -15.12
CA THR A 326 5.69 1.80 -14.33
C THR A 326 7.13 1.90 -13.85
N LEU A 327 7.42 1.42 -12.64
CA LEU A 327 8.81 1.34 -12.20
C LEU A 327 9.37 -0.06 -12.35
N PRO A 328 10.18 -0.28 -13.39
CA PRO A 328 10.83 -1.58 -13.56
C PRO A 328 11.83 -1.76 -12.45
N VAL A 329 12.25 -2.99 -12.19
CA VAL A 329 13.12 -3.26 -11.06
C VAL A 329 14.58 -3.21 -11.49
N GLN A 330 15.32 -2.24 -10.98
CA GLN A 330 16.75 -2.16 -11.19
C GLN A 330 17.45 -3.34 -10.52
N LEU A 331 18.62 -3.70 -11.03
CA LEU A 331 19.43 -4.73 -10.41
C LEU A 331 19.91 -4.31 -9.01
N SER A 332 20.12 -3.00 -8.85
CA SER A 332 20.57 -2.44 -7.58
C SER A 332 19.62 -2.91 -6.47
N GLU A 333 18.35 -3.08 -6.82
CA GLU A 333 17.34 -3.48 -5.85
C GLU A 333 17.66 -4.90 -5.40
N PHE A 334 17.92 -5.80 -6.36
CA PHE A 334 18.29 -7.20 -6.05
C PHE A 334 19.38 -7.18 -4.98
N ILE A 335 20.43 -6.41 -5.26
CA ILE A 335 21.54 -6.30 -4.32
C ILE A 335 21.14 -5.81 -2.91
N VAL A 336 20.31 -4.77 -2.87
CA VAL A 336 19.85 -4.23 -1.58
C VAL A 336 19.02 -5.27 -0.80
N ALA A 337 18.09 -5.89 -1.51
CA ALA A 337 17.28 -6.96 -0.96
C ALA A 337 18.15 -8.07 -0.33
N LEU A 338 19.11 -8.57 -1.11
CA LEU A 338 20.04 -9.57 -0.59
C LEU A 338 20.73 -9.10 0.66
N GLU A 339 21.13 -7.83 0.67
CA GLU A 339 21.86 -7.29 1.81
C GLU A 339 20.99 -7.27 3.06
N ASP A 340 19.72 -7.01 2.86
CA ASP A 340 18.83 -6.86 4.00
C ASP A 340 18.47 -8.23 4.52
N TYR A 341 18.23 -9.16 3.61
CA TYR A 341 18.07 -10.54 3.98
C TYR A 341 19.25 -10.88 4.85
N GLY A 342 20.44 -10.64 4.31
CA GLY A 342 21.70 -10.90 4.99
C GLY A 342 21.73 -10.37 6.41
N LYS A 343 21.32 -9.12 6.61
CA LYS A 343 21.44 -8.52 7.93
C LYS A 343 20.51 -9.24 8.90
N LEU A 344 19.25 -9.38 8.49
CA LEU A 344 18.21 -9.99 9.29
C LEU A 344 18.45 -11.45 9.65
N ARG A 345 19.00 -12.21 8.70
CA ARG A 345 19.23 -13.64 8.89
C ARG A 345 20.25 -13.89 9.98
N SER A 346 21.27 -13.05 10.04
CA SER A 346 22.33 -13.17 11.04
C SER A 346 21.79 -12.97 12.45
N GLN A 347 20.77 -12.91 12.85
CA GLN A 347 20.02 -12.55 14.03
C GLN A 347 19.20 -13.68 14.63
N GLN A 348 19.83 -13.24 15.89
CA GLN A 348 19.23 -14.05 16.91
C GLN A 348 18.22 -13.14 17.59
N SER A 349 16.95 -13.34 17.24
CA SER A 349 15.83 -12.65 17.89
C SER A 349 14.54 -12.90 17.13
N GLU A 350 13.47 -12.24 17.55
CA GLU A 350 12.22 -12.22 16.80
C GLU A 350 12.35 -11.31 15.57
N ILE A 357 20.10 -32.49 4.38
CA ILE A 357 21.21 -31.59 4.71
C ILE A 357 20.85 -30.13 4.40
N GLY A 358 20.25 -30.01 5.89
CA GLY A 358 19.56 -28.71 5.92
C GLY A 358 20.49 -27.51 6.07
N TYR A 359 20.02 -26.33 5.65
CA TYR A 359 20.91 -25.17 5.46
C TYR A 359 21.04 -24.27 6.70
N SER A 360 22.28 -24.03 7.12
CA SER A 360 22.57 -23.31 8.35
C SER A 360 22.70 -21.82 8.15
N LYS A 361 22.90 -21.09 9.25
CA LYS A 361 22.96 -19.63 9.23
C LYS A 361 24.24 -19.22 8.53
N THR A 362 25.35 -19.84 8.87
CA THR A 362 26.61 -19.42 8.27
C THR A 362 26.66 -19.83 6.79
N ALA A 363 25.98 -20.92 6.46
CA ALA A 363 25.82 -21.36 5.08
C ALA A 363 25.05 -20.32 4.26
N LYS A 364 23.84 -20.00 4.73
CA LYS A 364 23.01 -18.97 4.14
C LYS A 364 23.75 -17.63 3.96
N LEU A 365 24.49 -17.23 5.00
CA LEU A 365 25.21 -15.97 4.92
C LEU A 365 26.32 -16.01 3.86
N THR A 366 27.13 -17.08 3.82
CA THR A 366 28.21 -17.16 2.81
C THR A 366 27.61 -17.10 1.42
N ALA A 367 26.47 -17.78 1.27
CA ALA A 367 25.75 -17.74 0.02
C ALA A 367 25.40 -16.31 -0.39
N VAL A 368 24.74 -15.60 0.52
CA VAL A 368 24.35 -14.22 0.24
C VAL A 368 25.56 -13.37 -0.08
N GLU A 369 26.64 -13.57 0.68
CA GLU A 369 27.85 -12.78 0.49
C GLU A 369 28.26 -12.95 -0.95
N LEU A 370 28.47 -14.20 -1.36
CA LEU A 370 28.96 -14.47 -2.72
C LEU A 370 28.03 -13.91 -3.81
N LEU A 371 26.72 -14.15 -3.67
CA LEU A 371 25.75 -13.65 -4.65
C LEU A 371 25.79 -12.16 -4.79
N ILE A 372 25.90 -11.50 -3.65
CA ILE A 372 26.02 -10.06 -3.61
C ILE A 372 27.24 -9.64 -4.39
N GLY A 373 28.37 -10.28 -4.09
CA GLY A 373 29.63 -9.97 -4.73
C GLY A 373 29.51 -10.01 -6.25
N ILE A 374 29.03 -11.15 -6.74
CA ILE A 374 28.85 -11.34 -8.17
C ILE A 374 27.93 -10.26 -8.77
N LEU A 375 26.78 -10.06 -8.14
CA LEU A 375 25.83 -9.04 -8.58
C LEU A 375 26.48 -7.65 -8.75
N ASN A 376 27.33 -7.31 -7.80
CA ASN A 376 28.05 -6.04 -7.90
C ASN A 376 28.98 -6.00 -9.07
N ASP A 377 29.83 -7.02 -9.20
CA ASP A 377 30.79 -7.02 -10.30
C ASP A 377 30.07 -6.92 -11.64
N ILE A 378 28.84 -7.41 -11.69
CA ILE A 378 27.99 -7.19 -12.85
C ILE A 378 27.62 -5.72 -13.02
N LYS A 379 27.16 -5.10 -11.94
CA LYS A 379 26.83 -3.66 -11.99
C LYS A 379 28.04 -2.75 -12.28
N GLY A 380 29.25 -3.31 -12.18
CA GLY A 380 30.47 -2.54 -12.08
C GLY A 380 31.16 -2.16 -13.37
N LYS A 381 30.39 -2.05 -14.45
CA LYS A 381 30.82 -2.31 -15.82
C LYS A 381 31.40 -3.74 -15.72
N ASN A 382 32.67 -3.94 -16.02
CA ASN A 382 33.41 -5.20 -15.72
C ASN A 382 32.87 -6.56 -16.26
N GLU A 383 32.90 -7.58 -15.39
CA GLU A 383 32.44 -8.93 -15.73
C GLU A 383 32.52 -9.89 -14.55
N ILE A 384 31.95 -11.09 -14.70
CA ILE A 384 32.25 -12.24 -13.84
C ILE A 384 33.40 -13.10 -14.36
N SER A 385 34.03 -13.86 -13.47
CA SER A 385 35.12 -14.77 -13.81
C SER A 385 34.63 -16.22 -13.73
N GLU A 386 35.30 -17.13 -14.46
CA GLU A 386 34.91 -18.54 -14.42
C GLU A 386 34.81 -19.12 -13.00
N SER A 387 35.85 -18.88 -12.20
CA SER A 387 35.92 -19.39 -10.84
C SER A 387 34.73 -18.96 -10.00
N GLN A 388 34.40 -17.68 -10.13
CA GLN A 388 33.23 -17.08 -9.50
C GLN A 388 31.92 -17.74 -9.91
N TYR A 389 31.77 -18.04 -11.21
CA TYR A 389 30.58 -18.74 -11.70
C TYR A 389 30.48 -20.11 -11.03
N ASP A 390 31.61 -20.83 -10.95
CA ASP A 390 31.61 -22.12 -10.28
C ASP A 390 31.14 -21.99 -8.83
N LYS A 391 31.79 -21.10 -8.09
CA LYS A 391 31.44 -20.86 -6.69
C LYS A 391 29.95 -20.58 -6.52
N LEU A 392 29.38 -19.80 -7.46
CA LEU A 392 27.94 -19.56 -7.43
C LEU A 392 27.16 -20.85 -7.65
N VAL A 393 27.62 -21.67 -8.60
CA VAL A 393 26.90 -22.90 -8.94
C VAL A 393 26.81 -23.78 -7.70
N LYS A 394 27.91 -23.90 -6.96
CA LYS A 394 27.88 -24.64 -5.69
C LYS A 394 26.85 -24.08 -4.69
N GLU A 395 26.68 -22.77 -4.69
CA GLU A 395 25.70 -22.14 -3.81
C GLU A 395 24.29 -22.01 -4.40
N VAL A 396 24.05 -22.49 -5.61
CA VAL A 396 22.74 -22.24 -6.23
C VAL A 396 21.64 -22.92 -5.43
N ASP A 397 21.84 -24.17 -5.06
CA ASP A 397 20.76 -24.91 -4.43
C ASP A 397 20.42 -24.28 -3.09
N CYS A 398 21.40 -23.63 -2.46
CA CYS A 398 21.19 -22.91 -1.20
C CYS A 398 20.43 -21.58 -1.36
N LEU A 399 20.75 -20.82 -2.41
CA LEU A 399 20.13 -19.52 -2.67
C LEU A 399 18.68 -19.66 -3.18
N MET A 400 18.30 -20.87 -3.56
CA MET A 400 16.94 -21.12 -4.03
C MET A 400 16.05 -21.65 -2.90
N ASP A 401 16.66 -21.88 -1.75
CA ASP A 401 15.99 -22.45 -0.58
C ASP A 401 15.12 -21.46 0.23
N SER A 402 13.87 -21.86 0.46
CA SER A 402 12.92 -21.13 1.29
C SER A 402 12.73 -19.65 0.91
N SER A 403 12.66 -18.83 1.96
CA SER A 403 12.49 -17.39 1.86
C SER A 403 13.47 -16.75 0.89
N LEU A 404 14.76 -17.03 1.10
CA LEU A 404 15.80 -16.50 0.24
C LEU A 404 15.51 -16.82 -1.21
N GLY A 405 15.12 -18.07 -1.44
CA GLY A 405 14.62 -18.51 -2.73
C GLY A 405 13.52 -17.62 -3.24
N LYS A 406 12.49 -17.39 -2.44
CA LYS A 406 11.36 -16.57 -2.88
C LYS A 406 11.82 -15.19 -3.33
N LEU A 407 12.75 -14.63 -2.57
CA LEU A 407 13.39 -13.35 -2.89
C LEU A 407 14.04 -13.40 -4.27
N VAL A 408 14.94 -14.37 -4.39
CA VAL A 408 15.70 -14.58 -5.61
C VAL A 408 14.79 -14.83 -6.81
N GLN A 409 13.73 -15.62 -6.64
CA GLN A 409 12.81 -15.91 -7.73
C GLN A 409 12.08 -14.65 -8.13
N PHE A 410 11.72 -13.83 -7.15
CA PHE A 410 11.10 -12.54 -7.45
C PHE A 410 12.00 -11.71 -8.37
N HIS A 411 13.24 -11.57 -7.96
CA HIS A 411 14.18 -10.77 -8.72
C HIS A 411 14.56 -11.33 -10.09
N LEU A 412 14.77 -12.64 -10.18
CA LEU A 412 15.06 -13.28 -11.46
C LEU A 412 13.89 -13.09 -12.39
N LYS A 413 12.67 -13.26 -11.86
CA LYS A 413 11.47 -13.05 -12.67
C LYS A 413 11.48 -11.62 -13.20
N ASN A 414 11.83 -10.65 -12.38
CA ASN A 414 11.74 -9.28 -12.88
C ASN A 414 13.04 -8.80 -13.54
N LEU A 415 14.03 -9.66 -13.66
CA LEU A 415 15.24 -9.35 -14.41
C LEU A 415 15.29 -9.98 -15.79
N GLY A 416 14.28 -10.79 -16.11
CA GLY A 416 14.26 -11.49 -17.39
C GLY A 416 15.30 -12.59 -17.46
N ALA A 417 15.37 -13.40 -16.41
CA ALA A 417 16.32 -14.50 -16.33
C ALA A 417 15.67 -15.73 -15.67
N GLU A 418 15.85 -16.88 -16.30
CA GLU A 418 15.24 -18.13 -15.83
C GLU A 418 15.83 -18.65 -14.54
N SER A 419 17.12 -18.40 -14.34
CA SER A 419 17.79 -18.88 -13.14
C SER A 419 18.98 -17.99 -12.85
N LEU A 420 19.65 -18.29 -11.74
CA LEU A 420 20.90 -17.64 -11.41
C LEU A 420 21.94 -17.91 -12.46
N GLN A 421 22.04 -19.16 -12.88
CA GLN A 421 23.03 -19.48 -13.87
C GLN A 421 22.71 -18.72 -15.15
N LYS A 422 21.44 -18.62 -15.53
CA LYS A 422 21.12 -17.98 -16.81
C LYS A 422 21.42 -16.51 -16.74
N LEU A 423 21.07 -15.96 -15.58
CA LEU A 423 21.27 -14.55 -15.31
C LEU A 423 22.73 -14.17 -15.35
N VAL A 424 23.55 -15.06 -14.82
CA VAL A 424 24.95 -14.78 -14.59
C VAL A 424 25.85 -15.28 -15.73
N LEU A 425 25.26 -16.08 -16.62
CA LEU A 425 26.08 -16.81 -17.58
C LEU A 425 26.73 -15.92 -18.62
N PRO A 426 26.00 -14.91 -19.16
CA PRO A 426 26.81 -13.97 -19.94
C PRO A 426 27.65 -13.17 -18.95
N CYS A 427 28.40 -12.17 -19.38
CA CYS A 427 29.26 -11.44 -18.42
C CYS A 427 30.38 -12.31 -17.83
N VAL A 428 30.39 -13.60 -18.11
CA VAL A 428 31.50 -14.43 -17.65
C VAL A 428 32.57 -14.48 -18.74
N LYS A 429 33.81 -14.24 -18.32
CA LYS A 429 34.97 -14.46 -19.18
C LYS A 429 35.52 -15.85 -18.93
N PHE A 430 35.82 -16.55 -20.03
CA PHE A 430 36.40 -17.89 -20.01
C PHE A 430 37.81 -17.86 -20.59
N ASP A 431 38.61 -18.87 -20.25
CA ASP A 431 39.71 -19.29 -21.13
C ASP A 431 40.07 -20.76 -20.94
N ASP A 432 40.39 -21.45 -22.04
CA ASP A 432 40.98 -22.80 -22.01
C ASP A 432 40.29 -23.79 -21.05
N THR A 433 41.09 -24.31 -20.12
CA THR A 433 40.60 -24.99 -18.93
C THR A 433 40.82 -24.07 -17.74
N ILE A 434 39.76 -23.74 -17.01
CA ILE A 434 39.93 -22.93 -15.80
C ILE A 434 39.52 -23.81 -14.60
N ASP A 435 40.02 -23.49 -13.42
CA ASP A 435 39.70 -24.20 -12.18
C ASP A 435 38.19 -24.32 -11.94
#